data_3G0Y
#
_entry.id   3G0Y
#
_cell.length_a   76.032
_cell.length_b   76.032
_cell.length_c   147.041
_cell.angle_alpha   90.00
_cell.angle_beta   90.00
_cell.angle_gamma   120.00
#
_symmetry.space_group_name_H-M   'P 31 2 1'
#
loop_
_entity.id
_entity.type
_entity.pdbx_description
1 polymer '3-oxoacyl-[acyl-carrier-protein] synthase 2'
2 non-polymer '3-({3-[(1S,4aS,6S,7S,9S,9aR)-1,6-dimethyl-2-oxodecahydro-6,9-epoxy-4a,7-methanobenzo[7]annulen-1-yl]propanoyl}amino)-2,4-dihydroxybenzoic acid'
3 water water
#
_entity_poly.entity_id   1
_entity_poly.type   'polypeptide(L)'
_entity_poly.pdbx_seq_one_letter_code
;MRGSHHHHHHGSACVSKRRVVVTGLGMLSPVGNTVESTWKALLAGQSGISLIDHFDTSAYATKFAGLVKDFNCEDIISRK
EQRKMDAFIQYGIVAGVQAMQDSGLEITEENATRIGAAIGSGIGGLGLIEENHTSLMNGGPRKISPFFVPSTIVNMVAGH
LTIMYGLRGPSISIATAQTSGVHNIGHAARIIAYGDADVMVAGGAEKASTPLGVGGFGAARALSTRNDNPQAASRPWDKE
RDGFVLGDGAGMLVLEEYEHAKKRGAKIYAELVGFGMSSDAYHMTSPPENGAGAALAMANALRDAGIEASQIGYVNAHGT
STPAGDKAEAQAVKTIFGEAASRVLVSSTKSMTGHLLGAAGAVESIYSILALRDQAVPPTINLDNPDEGCDLDFVPHEAR
QVSGMEYTLCNSFGFGGTNGSLIFKKI
;
_entity_poly.pdbx_strand_id   A
#
loop_
_chem_comp.id
_chem_comp.type
_chem_comp.name
_chem_comp.formula
P9A non-polymer '3-({3-[(1S,4aS,6S,7S,9S,9aR)-1,6-dimethyl-2-oxodecahydro-6,9-epoxy-4a,7-methanobenzo[7]annulen-1-yl]propanoyl}amino)-2,4-dihydroxybenzoic acid' 'C24 H29 N O7'
#
# COMPACT_ATOMS: atom_id res chain seq x y z
N LYS A 17 17.52 -16.86 -15.88
CA LYS A 17 16.25 -16.67 -15.17
C LYS A 17 16.50 -16.19 -13.74
N ARG A 18 16.15 -14.94 -13.48
CA ARG A 18 16.35 -14.35 -12.16
C ARG A 18 15.12 -14.21 -11.29
N ARG A 19 15.14 -14.91 -10.17
CA ARG A 19 14.07 -14.90 -9.19
C ARG A 19 14.27 -13.73 -8.23
N VAL A 20 13.16 -13.21 -7.72
CA VAL A 20 13.18 -12.08 -6.80
C VAL A 20 12.63 -12.49 -5.44
N VAL A 21 13.23 -11.99 -4.36
CA VAL A 21 12.78 -12.30 -3.01
C VAL A 21 12.74 -11.04 -2.14
N VAL A 22 11.98 -11.11 -1.05
CA VAL A 22 11.85 -10.01 -0.10
C VAL A 22 12.83 -10.33 1.02
N THR A 23 13.76 -9.42 1.27
CA THR A 23 14.80 -9.59 2.27
C THR A 23 14.83 -8.44 3.29
N GLY A 24 13.76 -7.64 3.30
CA GLY A 24 13.70 -6.51 4.21
C GLY A 24 12.35 -5.81 4.15
N LEU A 25 11.82 -5.46 5.32
CA LEU A 25 10.53 -4.79 5.42
C LEU A 25 10.59 -3.59 6.38
N GLY A 26 9.81 -2.56 6.06
CA GLY A 26 9.72 -1.34 6.85
C GLY A 26 8.29 -0.83 6.72
N MET A 27 7.76 -0.20 7.77
CA MET A 27 6.39 0.24 7.70
C MET A 27 5.94 1.21 8.77
N LEU A 28 5.09 2.16 8.36
CA LEU A 28 4.46 3.12 9.26
C LEU A 28 3.00 2.98 8.89
N SER A 29 2.13 2.82 9.89
CA SER A 29 0.71 2.66 9.62
C SER A 29 -0.12 3.22 10.76
N PRO A 30 -1.44 3.23 10.58
CA PRO A 30 -2.40 3.73 11.58
C PRO A 30 -2.50 2.82 12.80
N VAL A 31 -1.99 1.59 12.69
CA VAL A 31 -2.02 0.65 13.81
C VAL A 31 -0.63 0.25 14.33
N GLY A 32 0.42 0.93 13.86
CA GLY A 32 1.76 0.60 14.33
C GLY A 32 2.87 1.28 13.55
N ASN A 33 3.92 1.68 14.27
CA ASN A 33 5.07 2.36 13.66
C ASN A 33 6.23 1.46 13.27
N THR A 34 5.94 0.16 13.21
CA THR A 34 6.91 -0.84 12.80
C THR A 34 6.18 -2.00 12.15
N VAL A 35 6.93 -2.80 11.42
CA VAL A 35 6.36 -3.95 10.73
C VAL A 35 5.64 -4.86 11.71
N GLU A 36 6.39 -5.41 12.67
CA GLU A 36 5.83 -6.32 13.68
C GLU A 36 4.67 -5.79 14.53
N SER A 37 4.74 -4.53 14.97
CA SER A 37 3.66 -3.96 15.78
C SER A 37 2.39 -3.86 14.95
N THR A 38 2.56 -3.53 13.67
CA THR A 38 1.44 -3.39 12.74
C THR A 38 0.74 -4.73 12.51
N TRP A 39 1.52 -5.80 12.30
CA TRP A 39 0.97 -7.13 12.07
C TRP A 39 0.25 -7.64 13.31
N LYS A 40 0.87 -7.44 14.47
CA LYS A 40 0.26 -7.87 15.72
C LYS A 40 -1.14 -7.26 15.83
N ALA A 41 -1.25 -5.96 15.61
CA ALA A 41 -2.53 -5.25 15.70
C ALA A 41 -3.59 -5.77 14.73
N LEU A 42 -3.16 -6.06 13.51
CA LEU A 42 -4.04 -6.54 12.45
C LEU A 42 -4.64 -7.90 12.78
N LEU A 43 -3.80 -8.79 13.32
CA LEU A 43 -4.26 -10.12 13.67
C LEU A 43 -5.20 -10.04 14.88
N ALA A 44 -5.05 -8.97 15.68
CA ALA A 44 -5.87 -8.75 16.87
C ALA A 44 -7.12 -7.92 16.52
N GLY A 45 -7.38 -7.76 15.22
CA GLY A 45 -8.52 -7.01 14.74
C GLY A 45 -8.63 -5.56 15.22
N GLN A 46 -7.52 -4.91 15.51
CA GLN A 46 -7.58 -3.52 15.98
C GLN A 46 -7.73 -2.50 14.84
N SER A 47 -8.46 -1.43 15.13
CA SER A 47 -8.69 -0.34 14.18
C SER A 47 -7.76 0.81 14.54
N GLY A 48 -7.23 1.50 13.53
CA GLY A 48 -6.36 2.62 13.79
C GLY A 48 -7.03 3.92 13.43
N ILE A 49 -8.33 3.85 13.17
CA ILE A 49 -9.10 5.02 12.80
C ILE A 49 -9.44 5.88 14.02
N SER A 50 -9.26 7.19 13.90
CA SER A 50 -9.56 8.13 14.97
C SER A 50 -10.00 9.47 14.39
N LEU A 51 -10.45 10.38 15.25
CA LEU A 51 -10.91 11.68 14.78
C LEU A 51 -9.74 12.59 14.40
N ILE A 52 -9.91 13.36 13.31
CA ILE A 52 -8.88 14.28 12.90
C ILE A 52 -8.88 15.42 13.91
N ASP A 53 -7.70 15.90 14.26
CA ASP A 53 -7.58 16.99 15.23
C ASP A 53 -6.67 18.11 14.75
N HIS A 54 -5.73 17.80 13.87
CA HIS A 54 -4.76 18.78 13.36
C HIS A 54 -5.27 19.89 12.44
N PHE A 55 -6.56 19.85 12.10
CA PHE A 55 -7.18 20.90 11.30
C PHE A 55 -8.66 20.93 11.68
N ASP A 56 -9.28 22.11 11.63
CA ASP A 56 -10.68 22.25 12.02
C ASP A 56 -11.60 21.49 11.05
N THR A 57 -12.31 20.48 11.55
CA THR A 57 -13.18 19.67 10.70
C THR A 57 -14.66 20.06 10.68
N SER A 58 -15.00 21.16 11.33
CA SER A 58 -16.37 21.64 11.41
C SER A 58 -17.17 21.54 10.12
N ALA A 59 -16.63 22.15 9.07
CA ALA A 59 -17.26 22.20 7.76
C ALA A 59 -17.12 20.91 6.98
N TYR A 60 -16.35 19.98 7.52
CA TYR A 60 -16.09 18.72 6.82
C TYR A 60 -17.08 17.60 7.10
N ALA A 61 -17.57 16.98 6.02
CA ALA A 61 -18.53 15.89 6.13
C ALA A 61 -17.89 14.63 6.71
N THR A 62 -16.57 14.50 6.52
CA THR A 62 -15.81 13.39 7.05
C THR A 62 -14.86 14.02 8.07
N LYS A 63 -14.88 13.50 9.29
CA LYS A 63 -14.08 14.09 10.35
C LYS A 63 -13.07 13.16 11.01
N PHE A 64 -12.79 12.05 10.37
CA PHE A 64 -11.87 11.09 10.94
C PHE A 64 -10.97 10.51 9.85
N ALA A 65 -9.96 9.76 10.28
CA ALA A 65 -9.03 9.13 9.35
C ALA A 65 -8.11 8.22 10.14
N GLY A 66 -7.36 7.39 9.43
CA GLY A 66 -6.40 6.50 10.03
C GLY A 66 -5.07 7.22 10.02
N LEU A 67 -4.69 7.78 11.16
CA LEU A 67 -3.47 8.56 11.27
C LEU A 67 -2.27 7.83 11.86
N VAL A 68 -1.08 8.31 11.54
CA VAL A 68 0.15 7.73 12.09
C VAL A 68 0.37 8.42 13.43
N LYS A 69 0.22 7.64 14.48
CA LYS A 69 0.35 8.11 15.85
C LYS A 69 1.79 8.30 16.32
N ASP A 70 2.07 9.47 16.87
CA ASP A 70 3.40 9.77 17.41
C ASP A 70 4.56 9.56 16.46
N PHE A 71 4.48 10.11 15.25
CA PHE A 71 5.58 9.95 14.30
C PHE A 71 6.85 10.64 14.80
N ASN A 72 7.99 9.94 14.67
CA ASN A 72 9.27 10.48 15.09
C ASN A 72 10.38 10.08 14.11
N CYS A 73 11.11 11.08 13.63
CA CYS A 73 12.20 10.85 12.69
C CYS A 73 13.46 11.60 13.15
N GLU A 74 13.34 12.28 14.29
CA GLU A 74 14.44 13.07 14.86
C GLU A 74 15.83 12.47 14.72
N ASP A 75 15.89 11.15 14.85
CA ASP A 75 17.10 10.34 14.80
C ASP A 75 17.47 9.89 13.38
N ILE A 76 16.54 10.10 12.45
CA ILE A 76 16.71 9.70 11.05
C ILE A 76 16.86 10.91 10.12
N ILE A 77 16.10 11.97 10.42
CA ILE A 77 16.10 13.21 9.63
C ILE A 77 16.29 14.44 10.55
N SER A 78 17.21 15.32 10.17
CA SER A 78 17.46 16.55 10.95
C SER A 78 16.27 17.49 10.73
N ARG A 79 15.97 18.35 11.71
CA ARG A 79 14.86 19.29 11.51
C ARG A 79 15.32 20.26 10.44
N LYS A 80 16.62 20.28 10.19
CA LYS A 80 17.18 21.13 9.15
C LYS A 80 16.70 20.52 7.83
N GLU A 81 16.85 19.20 7.70
CA GLU A 81 16.41 18.50 6.51
C GLU A 81 14.89 18.34 6.46
N GLN A 82 14.28 18.26 7.64
CA GLN A 82 12.82 18.08 7.75
C GLN A 82 12.02 19.21 7.11
N ARG A 83 12.61 20.40 7.10
CA ARG A 83 12.00 21.60 6.57
C ARG A 83 11.77 21.52 5.06
N LYS A 84 12.57 20.68 4.41
CA LYS A 84 12.49 20.55 2.97
C LYS A 84 11.67 19.36 2.52
N MET A 85 10.78 18.86 3.38
CA MET A 85 10.00 17.69 3.02
C MET A 85 8.61 17.54 3.65
N ASP A 86 7.63 17.14 2.84
CA ASP A 86 6.26 16.94 3.28
C ASP A 86 6.20 15.70 4.15
N ALA A 87 5.17 15.62 4.98
CA ALA A 87 4.98 14.45 5.85
C ALA A 87 5.12 13.16 5.04
N PHE A 88 4.56 13.14 3.83
CA PHE A 88 4.63 11.92 3.03
C PHE A 88 6.05 11.43 2.75
N ILE A 89 6.98 12.37 2.59
CA ILE A 89 8.38 12.06 2.33
C ILE A 89 9.05 11.55 3.62
N GLN A 90 8.85 12.26 4.72
CA GLN A 90 9.39 11.86 6.00
C GLN A 90 8.96 10.42 6.33
N TYR A 91 7.67 10.12 6.15
CA TYR A 91 7.14 8.77 6.41
C TYR A 91 7.89 7.75 5.55
N GLY A 92 7.94 8.01 4.26
CA GLY A 92 8.59 7.11 3.31
C GLY A 92 10.05 6.84 3.58
N ILE A 93 10.78 7.87 4.02
CA ILE A 93 12.22 7.74 4.31
C ILE A 93 12.46 6.85 5.53
N VAL A 94 11.65 7.08 6.56
CA VAL A 94 11.72 6.35 7.81
C VAL A 94 11.45 4.86 7.56
N ALA A 95 10.36 4.58 6.86
CA ALA A 95 10.00 3.21 6.52
C ALA A 95 11.06 2.56 5.62
N GLY A 96 11.68 3.36 4.77
CA GLY A 96 12.69 2.86 3.85
C GLY A 96 13.99 2.54 4.59
N VAL A 97 14.24 3.32 5.64
CA VAL A 97 15.42 3.12 6.45
C VAL A 97 15.21 1.81 7.21
N GLN A 98 14.04 1.69 7.83
CA GLN A 98 13.68 0.48 8.56
C GLN A 98 13.92 -0.76 7.70
N ALA A 99 13.53 -0.66 6.43
CA ALA A 99 13.68 -1.77 5.49
C ALA A 99 15.14 -2.03 5.15
N MET A 100 15.90 -0.97 4.91
CA MET A 100 17.31 -1.10 4.58
C MET A 100 18.03 -1.78 5.75
N GLN A 101 17.77 -1.30 6.97
CA GLN A 101 18.37 -1.86 8.17
C GLN A 101 17.97 -3.31 8.38
N ASP A 102 16.68 -3.58 8.26
CA ASP A 102 16.15 -4.93 8.44
C ASP A 102 16.78 -5.95 7.48
N SER A 103 17.23 -5.48 6.32
CA SER A 103 17.83 -6.35 5.31
C SER A 103 19.29 -6.73 5.57
N GLY A 104 20.01 -5.89 6.30
CA GLY A 104 21.41 -6.13 6.60
C GLY A 104 22.35 -5.82 5.45
N LEU A 105 21.80 -5.44 4.30
CA LEU A 105 22.61 -5.12 3.14
C LEU A 105 23.61 -4.00 3.45
N GLU A 106 24.85 -4.19 3.00
CA GLU A 106 25.91 -3.21 3.19
C GLU A 106 26.29 -2.63 1.83
N ILE A 107 26.01 -1.34 1.63
CA ILE A 107 26.33 -0.67 0.36
C ILE A 107 27.83 -0.41 0.26
N THR A 108 28.43 -0.85 -0.85
CA THR A 108 29.86 -0.66 -1.09
C THR A 108 29.98 -0.02 -2.47
N GLU A 109 31.21 0.34 -2.87
CA GLU A 109 31.41 0.92 -4.18
C GLU A 109 31.16 -0.12 -5.28
N GLU A 110 31.22 -1.38 -4.91
CA GLU A 110 30.98 -2.47 -5.85
C GLU A 110 29.48 -2.49 -6.08
N ASN A 111 28.76 -2.47 -4.96
CA ASN A 111 27.31 -2.53 -4.88
C ASN A 111 26.53 -1.36 -5.47
N ALA A 112 26.80 -0.17 -4.93
CA ALA A 112 26.10 1.07 -5.28
C ALA A 112 25.33 1.09 -6.60
N THR A 113 26.06 0.83 -7.67
CA THR A 113 25.56 0.82 -9.04
C THR A 113 24.41 -0.17 -9.29
N ARG A 114 24.39 -1.25 -8.51
CA ARG A 114 23.40 -2.32 -8.66
C ARG A 114 22.23 -2.31 -7.68
N ILE A 115 22.13 -1.23 -6.90
CA ILE A 115 21.06 -1.03 -5.93
C ILE A 115 20.32 0.28 -6.23
N GLY A 116 18.99 0.20 -6.33
CA GLY A 116 18.17 1.35 -6.63
C GLY A 116 16.89 1.40 -5.82
N ALA A 117 15.86 2.01 -6.41
CA ALA A 117 14.58 2.15 -5.74
C ALA A 117 13.46 2.51 -6.69
N ALA A 118 12.28 1.97 -6.38
CA ALA A 118 11.06 2.25 -7.12
C ALA A 118 10.03 2.59 -6.03
N ILE A 119 9.87 3.88 -5.73
CA ILE A 119 8.94 4.33 -4.69
C ILE A 119 8.04 5.44 -5.16
N GLY A 120 6.74 5.27 -5.04
CA GLY A 120 5.80 6.28 -5.46
C GLY A 120 4.85 6.78 -4.40
N SER A 121 3.75 7.38 -4.86
CA SER A 121 2.74 7.95 -3.98
C SER A 121 1.54 8.26 -4.85
N GLY A 122 0.35 8.33 -4.23
CA GLY A 122 -0.85 8.62 -4.98
C GLY A 122 -1.00 10.10 -5.30
N ILE A 123 -1.00 10.93 -4.26
CA ILE A 123 -1.16 12.37 -4.40
C ILE A 123 0.07 13.20 -4.03
N GLY A 124 0.96 12.66 -3.22
CA GLY A 124 2.14 13.41 -2.83
C GLY A 124 1.96 14.40 -1.70
N GLY A 125 2.79 15.44 -1.70
CA GLY A 125 2.82 16.48 -0.68
C GLY A 125 1.74 17.53 -0.57
N LEU A 126 0.51 17.09 -0.35
CA LEU A 126 -0.62 18.01 -0.22
C LEU A 126 -0.44 19.08 0.85
N GLY A 127 0.03 18.67 2.03
CA GLY A 127 0.21 19.56 3.17
C GLY A 127 1.10 20.76 2.91
N LEU A 128 2.18 20.55 2.15
CA LEU A 128 3.12 21.61 1.82
C LEU A 128 2.64 22.36 0.57
N ILE A 129 1.79 21.72 -0.23
CA ILE A 129 1.22 22.39 -1.40
C ILE A 129 0.29 23.45 -0.84
N GLU A 130 -0.55 23.04 0.10
CA GLU A 130 -1.48 23.96 0.74
C GLU A 130 -0.75 25.09 1.43
N GLU A 131 0.33 24.76 2.14
CA GLU A 131 1.11 25.76 2.83
C GLU A 131 1.66 26.78 1.85
N ASN A 132 2.33 26.31 0.80
CA ASN A 132 2.90 27.21 -0.20
C ASN A 132 1.84 28.01 -0.93
N HIS A 133 0.73 27.37 -1.26
CA HIS A 133 -0.33 28.09 -1.94
C HIS A 133 -0.95 29.15 -1.02
N THR A 134 -1.16 28.79 0.25
CA THR A 134 -1.72 29.73 1.23
C THR A 134 -0.82 30.97 1.35
N SER A 135 0.48 30.72 1.36
CA SER A 135 1.51 31.77 1.47
C SER A 135 1.47 32.72 0.29
N LEU A 136 1.32 32.16 -0.90
CA LEU A 136 1.28 32.92 -2.13
C LEU A 136 0.06 33.81 -2.17
N MET A 137 -1.05 33.27 -1.68
CA MET A 137 -2.27 34.04 -1.66
C MET A 137 -2.15 35.21 -0.71
N ASN A 138 -1.58 34.97 0.46
CA ASN A 138 -1.42 35.99 1.48
C ASN A 138 -0.34 37.06 1.22
N GLY A 139 0.78 36.70 0.60
CA GLY A 139 1.84 37.66 0.37
C GLY A 139 2.69 37.54 -0.89
N GLY A 140 2.14 36.96 -1.95
CA GLY A 140 2.83 36.80 -3.21
C GLY A 140 3.87 35.70 -3.32
N PRO A 141 4.37 35.48 -4.55
CA PRO A 141 5.38 34.51 -4.98
C PRO A 141 6.63 34.63 -4.09
N ARG A 142 6.80 35.82 -3.51
CA ARG A 142 7.91 36.09 -2.61
C ARG A 142 7.86 35.12 -1.42
N LYS A 143 6.65 34.72 -1.04
CA LYS A 143 6.48 33.82 0.10
C LYS A 143 6.59 32.32 -0.20
N ILE A 144 6.55 31.95 -1.47
CA ILE A 144 6.68 30.54 -1.84
C ILE A 144 8.06 30.10 -1.38
N SER A 145 8.15 28.90 -0.83
CA SER A 145 9.42 28.38 -0.33
C SER A 145 10.34 27.85 -1.43
N PRO A 146 11.65 28.10 -1.30
CA PRO A 146 12.56 27.59 -2.33
C PRO A 146 12.41 26.08 -2.50
N PHE A 147 11.89 25.42 -1.46
CA PHE A 147 11.72 23.96 -1.48
C PHE A 147 10.37 23.46 -1.97
N PHE A 148 9.54 24.34 -2.51
CA PHE A 148 8.24 23.95 -3.02
C PHE A 148 8.27 22.67 -3.84
N VAL A 149 8.94 22.73 -4.99
CA VAL A 149 9.03 21.57 -5.86
C VAL A 149 9.56 20.29 -5.15
N PRO A 150 10.85 20.26 -4.76
CA PRO A 150 11.53 19.15 -4.09
C PRO A 150 10.87 18.57 -2.83
N SER A 151 10.07 19.38 -2.14
CA SER A 151 9.42 18.93 -0.91
C SER A 151 8.03 18.31 -1.10
N THR A 152 7.48 18.43 -2.31
CA THR A 152 6.13 17.94 -2.60
C THR A 152 6.02 16.87 -3.67
N ILE A 153 6.90 16.91 -4.67
CA ILE A 153 6.80 15.93 -5.74
C ILE A 153 7.04 14.49 -5.33
N VAL A 154 6.27 13.63 -5.98
CA VAL A 154 6.21 12.19 -5.78
C VAL A 154 7.50 11.38 -5.72
N ASN A 155 8.48 11.72 -6.57
CA ASN A 155 9.72 10.95 -6.57
C ASN A 155 10.74 11.33 -5.49
N MET A 156 10.32 12.22 -4.58
CA MET A 156 11.21 12.67 -3.52
C MET A 156 11.62 11.65 -2.46
N VAL A 157 10.85 10.58 -2.30
CA VAL A 157 11.23 9.55 -1.32
C VAL A 157 12.39 8.72 -1.89
N ALA A 158 12.33 8.38 -3.16
CA ALA A 158 13.40 7.62 -3.79
C ALA A 158 14.63 8.51 -3.83
N GLY A 159 14.39 9.80 -4.04
CA GLY A 159 15.43 10.80 -4.11
C GLY A 159 16.26 10.84 -2.86
N HIS A 160 15.61 11.07 -1.73
CA HIS A 160 16.33 11.15 -0.46
C HIS A 160 17.02 9.84 -0.09
N LEU A 161 16.30 8.74 -0.20
CA LEU A 161 16.84 7.42 0.13
C LEU A 161 18.08 7.02 -0.67
N THR A 162 18.07 7.27 -1.98
CA THR A 162 19.22 6.93 -2.80
C THR A 162 20.42 7.71 -2.29
N ILE A 163 20.19 8.97 -1.94
CA ILE A 163 21.23 9.85 -1.42
C ILE A 163 21.70 9.38 -0.04
N MET A 164 20.77 9.14 0.86
CA MET A 164 21.11 8.71 2.21
C MET A 164 21.99 7.45 2.21
N TYR A 165 21.75 6.57 1.24
CA TYR A 165 22.47 5.30 1.17
C TYR A 165 23.49 5.16 0.04
N GLY A 166 23.73 6.22 -0.71
CA GLY A 166 24.67 6.10 -1.81
C GLY A 166 24.22 5.12 -2.87
N LEU A 167 22.90 4.97 -3.06
CA LEU A 167 22.39 4.05 -4.09
C LEU A 167 22.53 4.72 -5.46
N ARG A 168 23.16 4.03 -6.41
CA ARG A 168 23.37 4.59 -7.74
C ARG A 168 22.68 3.79 -8.85
N GLY A 169 22.00 2.71 -8.45
CA GLY A 169 21.27 1.88 -9.39
C GLY A 169 20.02 2.60 -9.87
N PRO A 170 19.20 1.93 -10.69
CA PRO A 170 17.98 2.55 -11.22
C PRO A 170 17.00 3.02 -10.14
N SER A 171 16.44 4.22 -10.32
CA SER A 171 15.42 4.74 -9.41
C SER A 171 14.25 5.31 -10.21
N ILE A 172 13.05 4.79 -9.95
CA ILE A 172 11.82 5.24 -10.63
C ILE A 172 10.71 5.45 -9.58
N SER A 173 9.67 6.21 -9.94
CA SER A 173 8.55 6.47 -9.04
C SER A 173 7.23 6.40 -9.79
N ILE A 174 6.49 5.31 -9.56
CA ILE A 174 5.21 5.11 -10.21
C ILE A 174 4.07 5.74 -9.42
N ALA A 175 3.42 6.73 -10.05
CA ALA A 175 2.28 7.41 -9.46
C ALA A 175 1.04 6.92 -10.22
N THR A 176 0.43 5.85 -9.72
CA THR A 176 -0.77 5.29 -10.34
C THR A 176 -1.92 5.31 -9.33
N ALA A 177 -2.01 6.42 -8.61
CA ALA A 177 -3.05 6.60 -7.63
C ALA A 177 -3.08 5.45 -6.61
N GLN A 178 -4.29 4.97 -6.30
CA GLN A 178 -4.45 3.91 -5.33
C GLN A 178 -3.78 2.59 -5.70
N THR A 179 -3.20 2.53 -6.89
CA THR A 179 -2.52 1.31 -7.34
C THR A 179 -0.99 1.38 -7.27
N SER A 180 -0.44 2.53 -6.86
CA SER A 180 1.00 2.70 -6.82
C SER A 180 1.85 1.65 -6.08
N GLY A 181 1.50 1.33 -4.83
CA GLY A 181 2.24 0.38 -4.03
C GLY A 181 2.62 -0.91 -4.76
N VAL A 182 1.63 -1.48 -5.43
CA VAL A 182 1.74 -2.72 -6.20
C VAL A 182 2.59 -2.52 -7.45
N HIS A 183 2.37 -1.40 -8.14
CA HIS A 183 3.12 -1.12 -9.35
C HIS A 183 4.60 -0.97 -9.08
N ASN A 184 4.94 -0.17 -8.07
CA ASN A 184 6.33 0.04 -7.74
C ASN A 184 7.03 -1.27 -7.37
N ILE A 185 6.37 -2.10 -6.57
CA ILE A 185 6.93 -3.39 -6.19
C ILE A 185 7.05 -4.26 -7.44
N GLY A 186 5.99 -4.30 -8.26
CA GLY A 186 6.02 -5.08 -9.49
C GLY A 186 7.20 -4.73 -10.37
N HIS A 187 7.33 -3.44 -10.71
CA HIS A 187 8.41 -2.99 -11.58
C HIS A 187 9.81 -3.05 -10.97
N ALA A 188 9.90 -2.91 -9.65
CA ALA A 188 11.17 -3.02 -8.97
C ALA A 188 11.63 -4.45 -9.27
N ALA A 189 10.71 -5.41 -9.11
CA ALA A 189 10.99 -6.81 -9.36
C ALA A 189 11.38 -6.99 -10.83
N ARG A 190 10.63 -6.33 -11.72
CA ARG A 190 10.90 -6.39 -13.15
C ARG A 190 12.31 -5.87 -13.39
N ILE A 191 12.63 -4.71 -12.82
CA ILE A 191 13.96 -4.12 -12.98
C ILE A 191 15.05 -5.12 -12.53
N ILE A 192 14.80 -5.83 -11.43
CA ILE A 192 15.77 -6.80 -10.90
C ILE A 192 15.91 -8.02 -11.81
N ALA A 193 14.78 -8.64 -12.14
CA ALA A 193 14.76 -9.81 -13.00
C ALA A 193 15.34 -9.53 -14.38
N TYR A 194 15.15 -8.31 -14.87
CA TYR A 194 15.65 -7.95 -16.19
C TYR A 194 17.17 -7.85 -16.28
N GLY A 195 17.81 -7.55 -15.15
CA GLY A 195 19.26 -7.43 -15.06
C GLY A 195 19.76 -6.03 -14.76
N ASP A 196 18.86 -5.06 -14.68
CA ASP A 196 19.25 -3.68 -14.41
C ASP A 196 19.67 -3.38 -12.97
N ALA A 197 19.32 -4.28 -12.05
CA ALA A 197 19.67 -4.10 -10.64
C ALA A 197 19.69 -5.44 -9.93
N ASP A 198 20.30 -5.48 -8.75
CA ASP A 198 20.38 -6.71 -7.95
C ASP A 198 19.48 -6.56 -6.73
N VAL A 199 19.31 -5.32 -6.30
CA VAL A 199 18.49 -5.00 -5.12
C VAL A 199 17.66 -3.73 -5.34
N MET A 200 16.46 -3.70 -4.78
CA MET A 200 15.58 -2.52 -4.89
C MET A 200 14.71 -2.26 -3.66
N VAL A 201 14.74 -1.02 -3.17
CA VAL A 201 13.86 -0.66 -2.07
C VAL A 201 12.62 -0.21 -2.83
N ALA A 202 11.49 -0.83 -2.54
CA ALA A 202 10.26 -0.52 -3.27
C ALA A 202 9.05 -0.40 -2.37
N GLY A 203 8.05 0.36 -2.82
CA GLY A 203 6.83 0.56 -2.07
C GLY A 203 6.22 1.93 -2.33
N GLY A 204 5.55 2.48 -1.33
CA GLY A 204 4.93 3.79 -1.47
C GLY A 204 4.66 4.49 -0.16
N ALA A 205 4.40 5.80 -0.25
CA ALA A 205 4.13 6.61 0.93
C ALA A 205 2.98 7.57 0.64
N GLU A 206 2.22 7.89 1.67
CA GLU A 206 1.08 8.79 1.53
C GLU A 206 0.70 9.43 2.85
N LYS A 207 0.22 10.67 2.76
CA LYS A 207 -0.22 11.46 3.91
C LYS A 207 -1.23 12.44 3.33
N ALA A 208 -2.42 11.94 2.97
CA ALA A 208 -3.47 12.79 2.36
C ALA A 208 -4.59 13.26 3.30
N SER A 209 -4.39 13.11 4.60
CA SER A 209 -5.37 13.55 5.59
C SER A 209 -5.21 15.06 5.83
N THR A 210 -5.57 15.85 4.83
CA THR A 210 -5.48 17.30 4.91
C THR A 210 -6.78 17.87 4.37
N PRO A 211 -7.00 19.19 4.54
CA PRO A 211 -8.22 19.81 4.04
C PRO A 211 -8.49 19.41 2.59
N LEU A 212 -7.46 19.44 1.75
CA LEU A 212 -7.60 19.08 0.35
C LEU A 212 -7.92 17.60 0.10
N GLY A 213 -7.22 16.70 0.80
CA GLY A 213 -7.45 15.27 0.64
C GLY A 213 -8.84 14.86 1.10
N VAL A 214 -9.18 15.29 2.31
CA VAL A 214 -10.46 15.02 2.94
C VAL A 214 -11.58 15.80 2.23
N GLY A 215 -11.31 17.06 1.90
CA GLY A 215 -12.28 17.88 1.21
C GLY A 215 -12.50 17.37 -0.21
N GLY A 216 -11.40 16.96 -0.85
CA GLY A 216 -11.35 16.46 -2.21
C GLY A 216 -12.08 15.16 -2.49
N PHE A 217 -11.69 14.09 -1.78
CA PHE A 217 -12.35 12.79 -1.96
C PHE A 217 -13.76 12.88 -1.37
N GLY A 218 -13.97 13.83 -0.49
CA GLY A 218 -15.25 14.04 0.15
C GLY A 218 -16.20 14.70 -0.83
N ALA A 219 -15.63 15.56 -1.67
CA ALA A 219 -16.40 16.25 -2.70
C ALA A 219 -16.89 15.27 -3.76
N ALA A 220 -16.16 14.19 -3.96
CA ALA A 220 -16.52 13.19 -4.96
C ALA A 220 -17.46 12.17 -4.36
N ARG A 221 -17.86 12.42 -3.12
CA ARG A 221 -18.77 11.52 -2.40
C ARG A 221 -18.17 10.12 -2.28
N ALA A 222 -16.86 10.07 -2.11
CA ALA A 222 -16.15 8.79 -2.00
C ALA A 222 -15.84 8.33 -0.58
N LEU A 223 -15.98 9.23 0.40
CA LEU A 223 -15.63 8.93 1.79
C LEU A 223 -16.78 8.53 2.72
N SER A 224 -16.48 7.64 3.66
CA SER A 224 -17.46 7.22 4.68
C SER A 224 -17.72 8.50 5.47
N THR A 225 -18.94 8.64 5.97
CA THR A 225 -19.36 9.83 6.69
C THR A 225 -19.82 9.50 8.11
N ARG A 226 -19.52 8.27 8.55
CA ARG A 226 -19.90 7.77 9.86
C ARG A 226 -19.09 8.32 11.04
N ASN A 227 -19.19 9.63 11.28
CA ASN A 227 -18.47 10.27 12.36
C ASN A 227 -18.86 9.82 13.77
N ASP A 228 -20.05 9.24 13.91
CA ASP A 228 -20.54 8.79 15.22
C ASP A 228 -19.83 7.54 15.72
N ASN A 229 -19.08 6.89 14.82
CA ASN A 229 -18.35 5.67 15.15
C ASN A 229 -17.25 5.49 14.11
N PRO A 230 -16.22 6.35 14.15
CA PRO A 230 -15.11 6.29 13.19
C PRO A 230 -14.54 4.89 13.06
N GLN A 231 -14.49 4.14 14.16
CA GLN A 231 -13.92 2.80 14.10
C GLN A 231 -14.74 1.72 13.38
N ALA A 232 -15.99 2.02 13.06
CA ALA A 232 -16.84 1.05 12.37
C ALA A 232 -17.08 1.43 10.92
N ALA A 233 -16.59 2.60 10.53
CA ALA A 233 -16.78 3.10 9.18
C ALA A 233 -16.19 2.24 8.07
N SER A 234 -14.94 1.83 8.21
CA SER A 234 -14.37 0.99 7.16
C SER A 234 -15.02 -0.38 7.32
N ARG A 235 -15.94 -0.73 6.42
CA ARG A 235 -16.64 -2.01 6.50
C ARG A 235 -16.82 -2.73 5.16
N PRO A 236 -15.71 -3.14 4.53
CA PRO A 236 -15.79 -3.83 3.24
C PRO A 236 -16.81 -4.97 3.17
N TRP A 237 -17.55 -4.98 2.07
CA TRP A 237 -18.57 -5.96 1.76
C TRP A 237 -19.79 -5.99 2.69
N ASP A 238 -19.85 -5.04 3.61
CA ASP A 238 -20.98 -4.93 4.52
C ASP A 238 -22.10 -4.07 3.90
N LYS A 239 -23.34 -4.52 4.06
CA LYS A 239 -24.51 -3.84 3.52
C LYS A 239 -24.58 -2.34 3.83
N GLU A 240 -24.08 -1.95 5.00
CA GLU A 240 -24.11 -0.55 5.44
C GLU A 240 -22.94 0.35 5.02
N ARG A 241 -22.03 -0.17 4.19
CA ARG A 241 -20.88 0.59 3.69
C ARG A 241 -21.31 1.97 3.23
N ASP A 242 -20.47 2.98 3.42
CA ASP A 242 -20.81 4.32 2.90
C ASP A 242 -19.61 5.06 2.32
N GLY A 243 -18.63 4.31 1.81
CA GLY A 243 -17.44 4.90 1.22
C GLY A 243 -16.17 4.52 1.96
N PHE A 244 -15.02 4.77 1.32
CA PHE A 244 -13.74 4.43 1.91
C PHE A 244 -13.28 5.31 3.07
N VAL A 245 -12.26 4.83 3.79
CA VAL A 245 -11.69 5.56 4.91
C VAL A 245 -10.25 5.91 4.57
N LEU A 246 -9.87 7.17 4.78
CA LEU A 246 -8.52 7.64 4.47
C LEU A 246 -7.53 7.24 5.56
N GLY A 247 -6.38 6.69 5.15
CA GLY A 247 -5.31 6.30 6.05
C GLY A 247 -3.95 6.75 5.56
N ASP A 248 -3.09 7.21 6.49
CA ASP A 248 -1.72 7.67 6.17
C ASP A 248 -0.74 6.58 6.56
N GLY A 249 0.43 6.59 5.93
CA GLY A 249 1.47 5.62 6.23
C GLY A 249 2.44 5.45 5.10
N ALA A 250 3.31 4.46 5.22
CA ALA A 250 4.28 4.12 4.20
C ALA A 250 4.58 2.65 4.41
N GLY A 251 4.97 1.96 3.35
CA GLY A 251 5.29 0.54 3.40
C GLY A 251 6.43 0.33 2.42
N MET A 252 7.48 -0.37 2.85
CA MET A 252 8.65 -0.63 2.02
C MET A 252 9.20 -2.05 2.10
N LEU A 253 9.61 -2.59 0.96
CA LEU A 253 10.20 -3.92 0.90
C LEU A 253 11.55 -3.83 0.21
N VAL A 254 12.51 -4.64 0.63
CA VAL A 254 13.79 -4.68 -0.05
C VAL A 254 13.70 -5.95 -0.90
N LEU A 255 13.72 -5.76 -2.21
CA LEU A 255 13.63 -6.88 -3.13
C LEU A 255 15.04 -7.19 -3.58
N GLU A 256 15.33 -8.47 -3.74
CA GLU A 256 16.68 -8.90 -4.11
C GLU A 256 16.67 -10.15 -4.96
N GLU A 257 17.65 -10.25 -5.84
CA GLU A 257 17.81 -11.40 -6.72
C GLU A 257 18.25 -12.58 -5.84
N TYR A 258 17.53 -13.70 -5.94
CA TYR A 258 17.78 -14.90 -5.15
C TYR A 258 19.23 -15.22 -4.78
N GLU A 259 20.08 -15.49 -5.77
CA GLU A 259 21.48 -15.81 -5.52
C GLU A 259 22.22 -14.69 -4.78
N HIS A 260 21.95 -13.44 -5.15
CA HIS A 260 22.62 -12.33 -4.48
C HIS A 260 22.25 -12.37 -3.00
N ALA A 261 21.01 -12.76 -2.72
CA ALA A 261 20.52 -12.84 -1.35
C ALA A 261 21.29 -13.92 -0.58
N LYS A 262 21.17 -15.16 -1.04
CA LYS A 262 21.85 -16.31 -0.42
C LYS A 262 23.33 -16.00 -0.16
N LYS A 263 24.04 -15.68 -1.23
CA LYS A 263 25.47 -15.38 -1.16
C LYS A 263 25.89 -14.50 0.02
N ARG A 264 24.96 -13.72 0.55
CA ARG A 264 25.25 -12.82 1.67
C ARG A 264 24.57 -13.27 2.95
N GLY A 265 23.91 -14.42 2.90
CA GLY A 265 23.21 -14.97 4.04
C GLY A 265 22.10 -14.05 4.50
N ALA A 266 21.25 -13.66 3.56
CA ALA A 266 20.13 -12.77 3.82
C ALA A 266 18.96 -13.54 4.37
N LYS A 267 18.19 -12.90 5.25
CA LYS A 267 16.99 -13.55 5.75
C LYS A 267 16.00 -13.29 4.64
N ILE A 268 15.27 -14.33 4.24
CA ILE A 268 14.33 -14.25 3.14
C ILE A 268 12.89 -14.43 3.57
N TYR A 269 12.14 -13.33 3.59
CA TYR A 269 10.74 -13.36 4.00
C TYR A 269 9.85 -14.22 3.13
N ALA A 270 10.00 -14.07 1.81
CA ALA A 270 9.19 -14.82 0.85
C ALA A 270 9.67 -14.44 -0.54
N GLU A 271 9.07 -15.04 -1.57
CA GLU A 271 9.46 -14.77 -2.94
C GLU A 271 8.37 -14.09 -3.79
N LEU A 272 8.77 -13.15 -4.66
CA LEU A 272 7.82 -12.48 -5.55
C LEU A 272 7.74 -13.27 -6.85
N VAL A 273 6.63 -13.98 -7.05
CA VAL A 273 6.46 -14.85 -8.21
C VAL A 273 5.65 -14.38 -9.41
N GLY A 274 4.68 -13.50 -9.19
CA GLY A 274 3.84 -13.03 -10.28
C GLY A 274 3.45 -11.58 -10.11
N PHE A 275 3.22 -10.92 -11.24
CA PHE A 275 2.83 -9.51 -11.28
C PHE A 275 2.00 -9.29 -12.53
N GLY A 276 0.78 -8.79 -12.36
CA GLY A 276 -0.10 -8.55 -13.48
C GLY A 276 -0.77 -7.19 -13.43
N MET A 277 -0.92 -6.58 -14.61
CA MET A 277 -1.54 -5.28 -14.73
C MET A 277 -2.66 -5.36 -15.75
N SER A 278 -3.61 -4.43 -15.65
CA SER A 278 -4.76 -4.38 -16.56
C SER A 278 -5.37 -2.99 -16.51
N SER A 279 -6.26 -2.69 -17.45
CA SER A 279 -6.95 -1.40 -17.45
C SER A 279 -8.46 -1.63 -17.62
N ASP A 280 -9.26 -0.91 -16.85
CA ASP A 280 -10.72 -1.06 -16.89
C ASP A 280 -11.35 -0.55 -18.19
N ALA A 281 -10.80 0.54 -18.73
CA ALA A 281 -11.33 1.16 -19.95
C ALA A 281 -12.82 1.42 -19.78
N TYR A 282 -13.21 1.81 -18.57
CA TYR A 282 -14.62 2.03 -18.23
C TYR A 282 -15.02 3.42 -17.69
N HIS A 283 -14.55 3.77 -16.51
CA HIS A 283 -14.90 5.05 -15.89
C HIS A 283 -13.74 5.66 -15.10
N MET A 284 -13.64 6.99 -15.08
CA MET A 284 -12.55 7.66 -14.37
C MET A 284 -12.45 7.43 -12.86
N THR A 285 -13.60 7.29 -12.20
CA THR A 285 -13.63 7.07 -10.76
C THR A 285 -14.41 5.84 -10.30
N SER A 286 -14.63 4.88 -11.20
CA SER A 286 -15.35 3.67 -10.84
C SER A 286 -15.10 2.46 -11.73
N PRO A 287 -15.17 1.24 -11.17
CA PRO A 287 -14.95 0.03 -11.96
C PRO A 287 -16.28 -0.46 -12.52
N PRO A 288 -16.23 -1.42 -13.46
CA PRO A 288 -17.47 -1.95 -14.02
C PRO A 288 -18.07 -2.92 -13.01
N GLU A 289 -19.40 -3.02 -12.96
CA GLU A 289 -20.05 -3.93 -12.02
C GLU A 289 -19.46 -5.35 -12.12
N ASN A 290 -19.04 -5.72 -13.33
CA ASN A 290 -18.49 -7.05 -13.58
C ASN A 290 -17.04 -7.32 -13.14
N GLY A 291 -16.32 -6.28 -12.72
CA GLY A 291 -14.96 -6.40 -12.25
C GLY A 291 -14.00 -7.01 -13.24
N ALA A 292 -14.30 -6.86 -14.52
CA ALA A 292 -13.47 -7.42 -15.59
C ALA A 292 -12.01 -6.96 -15.52
N GLY A 293 -11.79 -5.73 -15.05
CA GLY A 293 -10.45 -5.16 -14.93
C GLY A 293 -9.65 -5.90 -13.88
N ALA A 294 -10.24 -6.04 -12.70
CA ALA A 294 -9.62 -6.75 -11.60
C ALA A 294 -9.32 -8.20 -11.99
N ALA A 295 -10.28 -8.83 -12.66
CA ALA A 295 -10.11 -10.21 -13.11
C ALA A 295 -8.86 -10.38 -13.97
N LEU A 296 -8.69 -9.51 -14.95
CA LEU A 296 -7.53 -9.56 -15.85
C LEU A 296 -6.19 -9.42 -15.10
N ALA A 297 -6.11 -8.45 -14.18
CA ALA A 297 -4.87 -8.25 -13.42
C ALA A 297 -4.52 -9.51 -12.65
N MET A 298 -5.51 -10.11 -12.00
CA MET A 298 -5.31 -11.33 -11.24
C MET A 298 -4.95 -12.46 -12.19
N ALA A 299 -5.70 -12.56 -13.29
CA ALA A 299 -5.45 -13.57 -14.30
C ALA A 299 -4.03 -13.45 -14.85
N ASN A 300 -3.53 -12.21 -14.97
CA ASN A 300 -2.18 -11.97 -15.48
C ASN A 300 -1.09 -12.33 -14.45
N ALA A 301 -1.38 -12.16 -13.16
CA ALA A 301 -0.42 -12.48 -12.10
C ALA A 301 -0.20 -14.00 -12.03
N LEU A 302 -1.30 -14.75 -12.13
CA LEU A 302 -1.24 -16.21 -12.11
C LEU A 302 -0.41 -16.69 -13.29
N ARG A 303 -0.78 -16.26 -14.48
CA ARG A 303 -0.03 -16.66 -15.68
C ARG A 303 1.45 -16.29 -15.56
N ASP A 304 1.73 -15.17 -14.89
CA ASP A 304 3.11 -14.73 -14.69
C ASP A 304 3.82 -15.66 -13.70
N ALA A 305 3.12 -16.03 -12.63
CA ALA A 305 3.67 -16.93 -11.62
C ALA A 305 3.64 -18.39 -12.06
N GLY A 306 2.92 -18.67 -13.15
CA GLY A 306 2.80 -20.00 -13.71
C GLY A 306 1.96 -20.98 -12.88
N ILE A 307 1.15 -20.46 -11.98
CA ILE A 307 0.29 -21.27 -11.12
C ILE A 307 -1.19 -21.14 -11.51
N GLU A 308 -2.07 -21.88 -10.82
CA GLU A 308 -3.52 -21.85 -11.08
C GLU A 308 -4.23 -21.20 -9.90
N ALA A 309 -5.31 -20.47 -10.15
CA ALA A 309 -6.07 -19.80 -9.08
C ALA A 309 -6.28 -20.66 -7.83
N SER A 310 -6.40 -21.97 -8.03
CA SER A 310 -6.62 -22.89 -6.90
C SER A 310 -5.46 -22.96 -5.90
N GLN A 311 -4.29 -22.49 -6.31
CA GLN A 311 -3.12 -22.53 -5.44
C GLN A 311 -2.98 -21.35 -4.49
N ILE A 312 -3.82 -20.32 -4.66
CA ILE A 312 -3.79 -19.13 -3.80
C ILE A 312 -4.50 -19.42 -2.48
N GLY A 313 -3.80 -19.27 -1.36
CA GLY A 313 -4.42 -19.52 -0.09
C GLY A 313 -5.23 -18.34 0.40
N TYR A 314 -4.72 -17.14 0.15
CA TYR A 314 -5.37 -15.93 0.63
C TYR A 314 -5.18 -14.74 -0.34
N VAL A 315 -6.20 -13.89 -0.41
CA VAL A 315 -6.20 -12.71 -1.26
C VAL A 315 -6.34 -11.49 -0.35
N ASN A 316 -5.38 -10.57 -0.39
CA ASN A 316 -5.53 -9.36 0.40
C ASN A 316 -6.19 -8.40 -0.59
N ALA A 317 -7.51 -8.35 -0.50
CA ALA A 317 -8.35 -7.56 -1.38
C ALA A 317 -8.01 -6.08 -1.40
N HIS A 318 -8.55 -5.39 -2.38
CA HIS A 318 -8.37 -3.97 -2.44
C HIS A 318 -9.39 -3.43 -1.43
N GLY A 319 -10.55 -4.12 -1.36
CA GLY A 319 -11.68 -3.85 -0.47
C GLY A 319 -11.67 -2.54 0.27
N THR A 320 -12.14 -1.50 -0.40
CA THR A 320 -12.13 -0.16 0.16
C THR A 320 -13.33 0.30 0.99
N SER A 321 -14.44 -0.44 0.92
CA SER A 321 -15.67 -0.11 1.66
C SER A 321 -16.57 0.88 0.90
N THR A 322 -16.49 0.85 -0.42
CA THR A 322 -17.33 1.70 -1.28
C THR A 322 -18.45 0.79 -1.79
N PRO A 323 -19.65 1.35 -2.00
CA PRO A 323 -20.67 0.42 -2.49
C PRO A 323 -20.34 -0.30 -3.80
N ALA A 324 -19.88 0.43 -4.81
CA ALA A 324 -19.57 -0.18 -6.11
C ALA A 324 -18.26 -0.96 -6.27
N GLY A 325 -17.21 -0.53 -5.58
CA GLY A 325 -15.92 -1.18 -5.69
C GLY A 325 -15.84 -2.56 -5.09
N ASP A 326 -16.48 -2.72 -3.93
CA ASP A 326 -16.47 -4.00 -3.23
C ASP A 326 -17.20 -5.07 -4.03
N LYS A 327 -18.31 -4.69 -4.63
CA LYS A 327 -19.07 -5.63 -5.43
C LYS A 327 -18.24 -6.10 -6.60
N ALA A 328 -17.60 -5.17 -7.29
CA ALA A 328 -16.77 -5.50 -8.44
C ALA A 328 -15.62 -6.47 -8.12
N GLU A 329 -14.91 -6.24 -7.03
CA GLU A 329 -13.82 -7.15 -6.69
C GLU A 329 -14.36 -8.55 -6.39
N ALA A 330 -15.47 -8.62 -5.66
CA ALA A 330 -16.09 -9.88 -5.34
C ALA A 330 -16.42 -10.61 -6.64
N GLN A 331 -17.06 -9.89 -7.56
CA GLN A 331 -17.39 -10.47 -8.85
C GLN A 331 -16.13 -11.04 -9.46
N ALA A 332 -15.08 -10.21 -9.56
CA ALA A 332 -13.81 -10.66 -10.12
C ALA A 332 -13.22 -11.88 -9.44
N VAL A 333 -13.40 -11.98 -8.13
CA VAL A 333 -12.85 -13.11 -7.40
C VAL A 333 -13.58 -14.40 -7.79
N LYS A 334 -14.91 -14.34 -7.88
CA LYS A 334 -15.73 -15.48 -8.26
C LYS A 334 -15.30 -15.96 -9.63
N THR A 335 -15.06 -14.99 -10.50
CA THR A 335 -14.66 -15.24 -11.88
C THR A 335 -13.33 -15.98 -12.01
N ILE A 336 -12.33 -15.52 -11.27
CA ILE A 336 -11.01 -16.13 -11.34
C ILE A 336 -10.88 -17.42 -10.57
N PHE A 337 -11.53 -17.49 -9.41
CA PHE A 337 -11.45 -18.68 -8.59
C PHE A 337 -12.49 -19.75 -8.93
N GLY A 338 -13.68 -19.32 -9.34
CA GLY A 338 -14.78 -20.17 -9.76
C GLY A 338 -15.13 -21.27 -8.77
N GLU A 339 -14.60 -22.45 -9.02
CA GLU A 339 -14.83 -23.61 -8.16
C GLU A 339 -14.34 -23.28 -6.75
N ALA A 340 -13.05 -22.95 -6.66
CA ALA A 340 -12.39 -22.63 -5.39
C ALA A 340 -12.82 -21.32 -4.72
N ALA A 341 -13.70 -20.56 -5.36
CA ALA A 341 -14.16 -19.28 -4.82
C ALA A 341 -14.48 -19.35 -3.32
N SER A 342 -14.90 -20.52 -2.88
CA SER A 342 -15.26 -20.75 -1.47
C SER A 342 -14.10 -21.25 -0.60
N ARG A 343 -13.09 -21.83 -1.24
CA ARG A 343 -11.92 -22.38 -0.55
C ARG A 343 -10.78 -21.38 -0.35
N VAL A 344 -10.86 -20.23 -1.01
CA VAL A 344 -9.83 -19.20 -0.88
C VAL A 344 -10.31 -18.17 0.15
N LEU A 345 -9.41 -17.67 0.98
CA LEU A 345 -9.78 -16.66 1.96
C LEU A 345 -9.43 -15.28 1.42
N VAL A 346 -10.38 -14.36 1.52
CA VAL A 346 -10.21 -13.01 1.05
C VAL A 346 -10.49 -12.10 2.23
N SER A 347 -9.65 -11.09 2.44
CA SER A 347 -9.89 -10.16 3.53
C SER A 347 -9.34 -8.80 3.16
N SER A 348 -9.95 -7.76 3.72
CA SER A 348 -9.52 -6.39 3.46
C SER A 348 -9.03 -5.77 4.75
N THR A 349 -7.71 -5.65 4.89
CA THR A 349 -7.12 -5.03 6.07
C THR A 349 -7.49 -3.55 6.20
N LYS A 350 -8.06 -2.98 5.13
CA LYS A 350 -8.46 -1.57 5.14
C LYS A 350 -9.58 -1.37 6.16
N SER A 351 -10.18 -2.49 6.57
CA SER A 351 -11.26 -2.45 7.56
C SER A 351 -10.71 -1.92 8.88
N MET A 352 -9.39 -1.97 9.02
CA MET A 352 -8.73 -1.53 10.24
C MET A 352 -7.76 -0.39 9.98
N THR A 353 -7.10 -0.50 8.85
CA THR A 353 -6.04 0.38 8.41
C THR A 353 -6.49 1.70 7.78
N GLY A 354 -7.58 1.61 7.02
CA GLY A 354 -8.11 2.73 6.27
C GLY A 354 -7.51 2.52 4.90
N HIS A 355 -7.69 3.48 4.02
CA HIS A 355 -7.14 3.37 2.68
C HIS A 355 -5.93 4.29 2.56
N LEU A 356 -4.72 3.72 2.46
CA LEU A 356 -3.53 4.58 2.32
C LEU A 356 -3.09 4.88 0.90
N LEU A 357 -4.05 4.83 -0.03
CA LEU A 357 -3.81 5.14 -1.44
C LEU A 357 -2.51 4.61 -2.03
N GLY A 358 -1.59 5.51 -2.39
CA GLY A 358 -0.32 5.13 -2.99
C GLY A 358 0.51 4.16 -2.16
N ALA A 359 0.23 4.06 -0.86
CA ALA A 359 0.96 3.17 0.05
C ALA A 359 0.19 1.90 0.39
N ALA A 360 -1.09 1.86 0.00
CA ALA A 360 -1.94 0.71 0.27
C ALA A 360 -1.31 -0.60 -0.22
N GLY A 361 -1.08 -0.68 -1.53
CA GLY A 361 -0.50 -1.86 -2.13
C GLY A 361 0.85 -2.24 -1.53
N ALA A 362 1.54 -1.25 -0.95
CA ALA A 362 2.84 -1.51 -0.34
C ALA A 362 2.66 -2.21 1.01
N VAL A 363 1.98 -1.55 1.95
CA VAL A 363 1.74 -2.16 3.25
C VAL A 363 1.00 -3.50 3.08
N GLU A 364 0.03 -3.53 2.17
CA GLU A 364 -0.75 -4.74 1.94
C GLU A 364 0.06 -5.89 1.30
N SER A 365 1.23 -5.56 0.73
CA SER A 365 2.10 -6.58 0.15
C SER A 365 2.82 -7.20 1.34
N ILE A 366 3.10 -6.37 2.34
CA ILE A 366 3.77 -6.83 3.56
C ILE A 366 2.84 -7.82 4.27
N TYR A 367 1.56 -7.47 4.42
CA TYR A 367 0.61 -8.38 5.07
C TYR A 367 0.47 -9.68 4.29
N SER A 368 0.59 -9.60 2.98
CA SER A 368 0.47 -10.81 2.16
C SER A 368 1.70 -11.70 2.38
N ILE A 369 2.83 -11.07 2.74
CA ILE A 369 4.07 -11.79 2.98
C ILE A 369 4.00 -12.47 4.35
N LEU A 370 3.66 -11.69 5.37
CA LEU A 370 3.57 -12.17 6.73
C LEU A 370 2.52 -13.27 6.92
N ALA A 371 1.46 -13.23 6.13
CA ALA A 371 0.42 -14.24 6.24
C ALA A 371 1.02 -15.61 5.84
N LEU A 372 2.08 -15.57 5.02
CA LEU A 372 2.75 -16.80 4.58
C LEU A 372 3.71 -17.29 5.65
N ARG A 373 4.52 -16.38 6.19
CA ARG A 373 5.49 -16.70 7.22
C ARG A 373 4.77 -17.30 8.42
N ASP A 374 3.74 -16.60 8.88
CA ASP A 374 2.97 -16.97 10.05
C ASP A 374 1.74 -17.84 9.86
N GLN A 375 1.52 -18.36 8.66
CA GLN A 375 0.33 -19.17 8.37
C GLN A 375 -0.94 -18.74 9.11
N ALA A 376 -1.13 -17.42 9.15
CA ALA A 376 -2.27 -16.75 9.79
C ALA A 376 -2.74 -15.62 8.85
N VAL A 377 -4.05 -15.49 8.69
CA VAL A 377 -4.65 -14.48 7.80
C VAL A 377 -5.43 -13.45 8.63
N PRO A 378 -5.26 -12.14 8.36
CA PRO A 378 -6.01 -11.18 9.20
C PRO A 378 -7.47 -11.02 8.74
N PRO A 379 -8.34 -10.54 9.64
CA PRO A 379 -9.78 -10.38 9.38
C PRO A 379 -10.30 -9.10 8.72
N THR A 380 -11.49 -9.22 8.12
CA THR A 380 -12.18 -8.08 7.56
C THR A 380 -13.13 -7.72 8.70
N ILE A 381 -12.75 -6.74 9.53
CA ILE A 381 -13.61 -6.35 10.65
C ILE A 381 -14.80 -5.51 10.19
N ASN A 382 -15.86 -5.48 11.02
CA ASN A 382 -17.09 -4.74 10.74
C ASN A 382 -18.02 -5.42 9.76
N LEU A 383 -17.73 -6.67 9.40
CA LEU A 383 -18.57 -7.41 8.46
C LEU A 383 -19.78 -8.03 9.17
N ASP A 384 -20.63 -7.16 9.71
CA ASP A 384 -21.84 -7.55 10.43
C ASP A 384 -22.93 -8.15 9.53
N ASN A 385 -23.08 -7.64 8.32
CA ASN A 385 -24.09 -8.16 7.38
C ASN A 385 -23.56 -8.12 5.95
N PRO A 386 -22.89 -9.20 5.52
CA PRO A 386 -22.39 -9.12 4.14
C PRO A 386 -23.47 -8.91 3.07
N ASP A 387 -23.04 -8.53 1.88
CA ASP A 387 -23.96 -8.32 0.76
C ASP A 387 -24.61 -9.67 0.51
N GLU A 388 -25.79 -9.67 -0.09
CA GLU A 388 -26.45 -10.93 -0.37
C GLU A 388 -25.96 -11.51 -1.70
N GLY A 389 -26.09 -12.82 -1.86
CA GLY A 389 -25.66 -13.49 -3.08
C GLY A 389 -24.16 -13.73 -3.21
N CYS A 390 -23.43 -13.69 -2.10
CA CYS A 390 -21.98 -13.92 -2.15
C CYS A 390 -21.44 -15.13 -1.36
N ASP A 391 -20.93 -16.09 -2.12
CA ASP A 391 -20.38 -17.35 -1.65
C ASP A 391 -18.96 -17.25 -1.06
N LEU A 392 -18.40 -16.03 -1.00
CA LEU A 392 -17.03 -15.84 -0.54
C LEU A 392 -16.70 -15.76 0.96
N ASP A 393 -15.52 -16.29 1.31
CA ASP A 393 -15.03 -16.28 2.69
C ASP A 393 -14.23 -15.00 2.89
N PHE A 394 -14.90 -13.98 3.43
CA PHE A 394 -14.30 -12.68 3.67
C PHE A 394 -13.55 -12.55 5.01
N VAL A 395 -13.32 -13.70 5.65
CA VAL A 395 -12.61 -13.78 6.93
C VAL A 395 -13.12 -12.74 7.92
N PRO A 396 -14.43 -12.67 8.07
CA PRO A 396 -15.08 -11.70 8.96
C PRO A 396 -14.75 -11.83 10.44
N HIS A 397 -14.63 -10.66 11.07
CA HIS A 397 -14.38 -10.49 12.49
C HIS A 397 -13.08 -10.93 13.14
N GLU A 398 -12.67 -12.17 12.91
CA GLU A 398 -11.49 -12.74 13.56
C GLU A 398 -10.44 -13.32 12.64
N ALA A 399 -9.17 -13.21 13.05
CA ALA A 399 -8.08 -13.77 12.27
C ALA A 399 -8.34 -15.25 12.08
N ARG A 400 -7.69 -15.84 11.09
CA ARG A 400 -7.91 -17.24 10.80
C ARG A 400 -6.64 -18.01 10.51
N GLN A 401 -6.54 -19.15 11.19
CA GLN A 401 -5.43 -20.06 11.07
C GLN A 401 -5.48 -20.72 9.69
N VAL A 402 -4.32 -21.00 9.11
CA VAL A 402 -4.24 -21.68 7.82
C VAL A 402 -3.19 -22.78 7.88
N SER A 403 -3.35 -23.80 7.06
CA SER A 403 -2.42 -24.92 7.08
C SER A 403 -1.28 -24.90 6.06
N GLY A 404 -1.48 -25.47 4.88
CA GLY A 404 -0.41 -25.50 3.91
C GLY A 404 -0.46 -24.38 2.87
N MET A 405 -0.56 -23.13 3.33
CA MET A 405 -0.63 -22.00 2.41
C MET A 405 0.75 -21.63 1.88
N GLU A 406 0.93 -21.81 0.56
CA GLU A 406 2.20 -21.54 -0.11
C GLU A 406 2.22 -20.21 -0.89
N TYR A 407 1.05 -19.75 -1.31
CA TYR A 407 0.92 -18.52 -2.08
C TYR A 407 -0.17 -17.59 -1.55
N THR A 408 0.07 -16.29 -1.72
CA THR A 408 -0.89 -15.25 -1.39
C THR A 408 -0.85 -14.31 -2.58
N LEU A 409 -1.95 -13.61 -2.79
CA LEU A 409 -2.08 -12.68 -3.91
C LEU A 409 -2.55 -11.36 -3.33
N CYS A 410 -1.99 -10.26 -3.81
CA CYS A 410 -2.38 -8.94 -3.33
C CYS A 410 -2.86 -8.00 -4.46
N ASN A 411 -4.08 -7.49 -4.31
CA ASN A 411 -4.70 -6.59 -5.29
C ASN A 411 -4.70 -5.13 -4.89
N SER A 412 -4.56 -4.27 -5.89
CA SER A 412 -4.63 -2.81 -5.72
C SER A 412 -5.28 -2.30 -6.99
N PHE A 413 -6.24 -1.38 -6.85
CA PHE A 413 -6.94 -0.81 -8.01
C PHE A 413 -6.96 0.72 -7.85
N GLY A 414 -7.08 1.46 -8.96
CA GLY A 414 -7.09 2.91 -8.87
C GLY A 414 -7.86 3.71 -9.91
N PHE A 415 -8.14 4.97 -9.56
CA PHE A 415 -8.85 5.89 -10.45
C PHE A 415 -8.13 5.83 -11.79
N GLY A 416 -8.88 5.86 -12.88
CA GLY A 416 -8.31 5.77 -14.22
C GLY A 416 -8.35 4.32 -14.68
N GLY A 417 -9.03 3.47 -13.92
CA GLY A 417 -9.15 2.07 -14.22
C GLY A 417 -7.83 1.31 -14.19
N THR A 418 -6.85 1.83 -13.47
CA THR A 418 -5.54 1.15 -13.40
C THR A 418 -5.47 0.07 -12.31
N ASN A 419 -5.23 -1.17 -12.73
CA ASN A 419 -5.18 -2.33 -11.84
C ASN A 419 -3.84 -3.07 -11.82
N GLY A 420 -3.54 -3.72 -10.69
CA GLY A 420 -2.32 -4.48 -10.52
C GLY A 420 -2.49 -5.55 -9.45
N SER A 421 -1.74 -6.64 -9.57
CA SER A 421 -1.80 -7.74 -8.63
C SER A 421 -0.40 -8.34 -8.46
N LEU A 422 -0.09 -8.74 -7.24
CA LEU A 422 1.19 -9.36 -6.96
C LEU A 422 0.95 -10.73 -6.34
N ILE A 423 1.75 -11.72 -6.74
CA ILE A 423 1.62 -13.04 -6.16
C ILE A 423 2.91 -13.35 -5.43
N PHE A 424 2.78 -13.78 -4.18
CA PHE A 424 3.92 -14.11 -3.33
C PHE A 424 3.90 -15.60 -3.02
N LYS A 425 5.09 -16.19 -2.95
CA LYS A 425 5.24 -17.61 -2.65
C LYS A 425 6.07 -17.85 -1.39
N LYS A 426 5.67 -18.84 -0.61
CA LYS A 426 6.39 -19.19 0.61
C LYS A 426 7.79 -19.74 0.27
N ILE A 427 8.81 -19.10 0.83
CA ILE A 427 10.21 -19.50 0.65
C ILE A 427 10.80 -19.32 -0.75
O16 P9A B . -17.44 7.69 -8.55
O19 P9A B . -19.17 3.29 -4.82
O20 P9A B . -15.03 2.16 -5.89
O30 P9A B . -12.48 2.73 -9.32
O31 P9A B . -12.88 4.12 -4.79
O32 P9A B . -10.65 3.92 -3.35
O33 P9A B . -8.96 2.75 -4.30
N28 P9A B . -14.09 3.86 -7.11
C1 P9A B . -15.16 3.22 -6.56
C2 P9A B . -16.53 3.85 -6.77
C3 P9A B . -16.64 4.92 -5.69
C4 P9A B . -18.05 5.48 -5.41
C5 P9A B . -19.25 4.46 -5.21
C6 P9A B . -20.60 4.98 -5.51
C7 P9A B . -20.66 5.47 -6.95
C8 P9A B . -19.73 6.60 -7.16
C9 P9A B . -18.27 6.20 -6.79
C10 P9A B . -17.32 7.37 -7.11
C11 P9A B . -17.79 8.68 -6.46
C12 P9A B . -19.07 8.90 -7.26
C13 P9A B . -20.11 8.02 -6.52
C14 P9A B . -19.66 6.95 -8.66
C15 P9A B . -18.78 8.23 -8.65
C17 P9A B . -18.86 9.12 -9.90
C18 P9A B . -18.04 6.37 -4.09
C21 P9A B . -10.10 3.33 -4.28
C22 P9A B . -10.75 3.19 -5.63
C23 P9A B . -12.08 3.59 -5.77
C24 P9A B . -12.69 3.43 -7.03
C25 P9A B . -11.94 2.90 -8.08
C26 P9A B . -10.60 2.50 -7.92
C27 P9A B . -10.03 2.65 -6.72
#